data_8S4Y
#
_entry.id   8S4Y
#
_cell.length_a   60.388
_cell.length_b   64.081
_cell.length_c   65.191
_cell.angle_alpha   90.00
_cell.angle_beta   90.00
_cell.angle_gamma   90.00
#
_symmetry.space_group_name_H-M   'P 21 21 21'
#
loop_
_entity.id
_entity.type
_entity.pdbx_description
1 polymer C31
2 polymer Talin-1
3 water water
#
loop_
_entity_poly.entity_id
_entity_poly.type
_entity_poly.pdbx_seq_one_letter_code
_entity_poly.pdbx_strand_id
1 'polypeptide(L)' GIDPFTQNGYENPTYKF A
2 'polypeptide(L)'
;PVQLNLLYVQARDDILNGSHPVSFDKACEFAGYQCQIQFGPHNEQKHKPGFLELKDFLPKEYIKQKGERKIFMAHKNCGN
MSEIEAKVRYVKLARSLKTYGVSFFLVKEKMKGKNKLVPRLLGITKECVMRVDEKTKEVIQEWSLTNIKRWAASPKSFTL
DFGDYQDGYYSVQTTEGEQIAQLIAGYIDIIL
;
B
#
# COMPACT_ATOMS: atom_id res chain seq x y z
N ASP A 3 3.19 -5.37 -25.95
CA ASP A 3 1.93 -4.96 -26.59
C ASP A 3 0.75 -5.88 -26.16
N PRO A 4 0.84 -7.19 -26.41
CA PRO A 4 -0.29 -8.05 -26.02
C PRO A 4 -0.52 -8.12 -24.52
N PHE A 5 0.45 -7.68 -23.71
CA PHE A 5 0.30 -7.67 -22.26
C PHE A 5 0.01 -6.24 -21.79
N THR A 6 -1.22 -5.80 -22.01
CA THR A 6 -1.68 -4.51 -21.50
C THR A 6 -2.96 -4.61 -20.68
N GLN A 7 -3.70 -5.71 -20.76
CA GLN A 7 -4.94 -5.88 -20.00
C GLN A 7 -4.88 -7.16 -19.16
N ASN A 8 -5.30 -8.29 -19.76
CA ASN A 8 -5.30 -9.59 -19.09
C ASN A 8 -3.88 -10.17 -19.09
N GLY A 9 -2.95 -9.38 -18.55
CA GLY A 9 -1.59 -9.85 -18.39
C GLY A 9 -1.41 -10.51 -17.04
N TYR A 10 -1.59 -11.82 -16.98
CA TYR A 10 -1.36 -12.58 -15.76
C TYR A 10 0.09 -13.04 -15.73
N GLU A 11 0.75 -12.89 -14.58
CA GLU A 11 2.17 -13.20 -14.48
C GLU A 11 2.40 -14.39 -13.56
N ASN A 12 3.52 -15.08 -13.79
CA ASN A 12 3.74 -16.42 -13.26
C ASN A 12 4.70 -16.41 -12.08
N PRO A 13 4.22 -16.62 -10.85
CA PRO A 13 5.12 -16.61 -9.68
C PRO A 13 6.09 -17.78 -9.63
N THR A 14 6.05 -18.72 -10.56
CA THR A 14 7.02 -19.80 -10.53
C THR A 14 8.12 -19.63 -11.56
N TYR A 15 8.05 -18.58 -12.38
CA TYR A 15 9.13 -18.27 -13.32
C TYR A 15 10.48 -18.42 -12.63
N LYS A 16 11.43 -19.02 -13.35
CA LYS A 16 12.80 -19.23 -12.90
C LYS A 16 12.91 -19.55 -11.41
N PHE A 17 11.90 -20.27 -10.90
CA PHE A 17 11.69 -20.49 -9.48
C PHE A 17 13.00 -20.77 -8.75
N PRO B 1 13.26 -20.10 -7.62
CA PRO B 1 12.38 -19.17 -6.93
C PRO B 1 12.71 -17.69 -7.22
N VAL B 2 13.50 -17.41 -8.27
CA VAL B 2 13.83 -16.04 -8.65
C VAL B 2 12.65 -15.06 -8.66
N GLN B 3 11.57 -15.44 -9.32
CA GLN B 3 10.50 -14.46 -9.55
C GLN B 3 9.72 -14.29 -8.25
N LEU B 4 9.55 -15.36 -7.48
CA LEU B 4 8.88 -15.22 -6.19
C LEU B 4 9.69 -14.32 -5.27
N ASN B 5 11.02 -14.45 -5.30
CA ASN B 5 11.88 -13.57 -4.51
C ASN B 5 11.78 -12.13 -5.00
N LEU B 6 11.72 -11.95 -6.30
CA LEU B 6 11.56 -10.59 -6.86
C LEU B 6 10.22 -10.00 -6.37
N LEU B 7 9.15 -10.79 -6.46
CA LEU B 7 7.85 -10.32 -5.99
C LEU B 7 7.89 -9.94 -4.52
N TYR B 8 8.26 -10.89 -3.67
CA TYR B 8 8.31 -10.66 -2.23
C TYR B 8 9.10 -9.40 -1.89
N VAL B 9 10.27 -9.23 -2.52
CA VAL B 9 11.11 -8.08 -2.20
C VAL B 9 10.42 -6.78 -2.59
N GLN B 10 9.84 -6.72 -3.79
N GLN B 10 9.79 -6.73 -3.77
CA GLN B 10 9.05 -5.57 -4.19
CA GLN B 10 9.08 -5.50 -4.15
C GLN B 10 7.97 -5.28 -3.17
C GLN B 10 7.90 -5.25 -3.23
N ALA B 11 7.16 -6.29 -2.87
CA ALA B 11 6.01 -6.09 -1.98
C ALA B 11 6.47 -5.71 -0.58
N ARG B 12 7.52 -6.35 -0.10
CA ARG B 12 8.04 -6.01 1.23
C ARG B 12 8.55 -4.58 1.26
N ASP B 13 9.30 -4.17 0.22
CA ASP B 13 9.84 -2.82 0.22
C ASP B 13 8.71 -1.80 0.15
N ASP B 14 7.73 -2.00 -0.74
CA ASP B 14 6.64 -1.04 -0.89
C ASP B 14 5.88 -0.89 0.42
N ILE B 15 5.66 -1.99 1.14
CA ILE B 15 5.02 -1.91 2.45
C ILE B 15 5.92 -1.18 3.44
N LEU B 16 7.18 -1.59 3.52
CA LEU B 16 8.10 -1.03 4.51
C LEU B 16 8.36 0.46 4.31
N ASN B 17 8.16 1.03 3.11
CA ASN B 17 8.45 2.44 2.93
C ASN B 17 7.20 3.28 2.74
N GLY B 18 6.01 2.70 2.91
CA GLY B 18 4.78 3.45 2.78
C GLY B 18 4.25 3.57 1.36
N SER B 19 4.98 3.09 0.33
CA SER B 19 4.42 3.12 -1.01
C SER B 19 3.09 2.41 -1.03
N HIS B 20 2.97 1.30 -0.30
CA HIS B 20 1.76 0.51 -0.19
C HIS B 20 1.18 0.69 1.22
N PRO B 21 0.30 1.66 1.43
CA PRO B 21 -0.21 1.90 2.79
C PRO B 21 -0.98 0.70 3.34
N VAL B 22 -0.61 0.28 4.56
CA VAL B 22 -1.27 -0.82 5.25
C VAL B 22 -1.64 -0.35 6.66
N SER B 23 -2.80 -0.80 7.14
CA SER B 23 -3.19 -0.59 8.52
C SER B 23 -2.12 -1.15 9.46
N PHE B 24 -2.07 -0.60 10.69
CA PHE B 24 -1.10 -1.10 11.67
C PHE B 24 -1.24 -2.60 11.89
N ASP B 25 -2.49 -3.06 12.06
CA ASP B 25 -2.75 -4.49 12.21
C ASP B 25 -2.17 -5.29 11.05
N LYS B 26 -2.19 -4.73 9.84
CA LYS B 26 -1.60 -5.48 8.75
C LYS B 26 -0.07 -5.37 8.74
N ALA B 27 0.45 -4.21 9.14
CA ALA B 27 1.90 -4.03 9.24
C ALA B 27 2.53 -5.13 10.05
N CYS B 28 1.85 -5.55 11.12
CA CYS B 28 2.40 -6.57 12.00
C CYS B 28 2.20 -7.97 11.45
N GLU B 29 1.10 -8.22 10.72
CA GLU B 29 0.98 -9.47 9.99
C GLU B 29 2.13 -9.64 9.01
N PHE B 30 2.38 -8.59 8.22
CA PHE B 30 3.48 -8.63 7.26
C PHE B 30 4.80 -8.87 7.95
N ALA B 31 5.06 -8.10 9.01
CA ALA B 31 6.29 -8.25 9.80
C ALA B 31 6.42 -9.68 10.32
N GLY B 32 5.37 -10.19 10.99
CA GLY B 32 5.30 -11.59 11.39
C GLY B 32 5.85 -12.53 10.33
N TYR B 33 5.36 -12.39 9.10
CA TYR B 33 5.91 -13.17 7.99
C TYR B 33 7.39 -12.86 7.77
N GLN B 34 7.74 -11.57 7.77
CA GLN B 34 9.13 -11.19 7.53
C GLN B 34 10.04 -11.81 8.58
N CYS B 35 9.60 -11.85 9.84
CA CYS B 35 10.41 -12.50 10.87
C CYS B 35 10.68 -13.95 10.52
N GLN B 36 9.63 -14.70 10.17
CA GLN B 36 9.80 -16.09 9.71
C GLN B 36 10.81 -16.17 8.56
N ILE B 37 10.70 -15.25 7.59
CA ILE B 37 11.56 -15.33 6.40
C ILE B 37 13.01 -15.09 6.76
N GLN B 38 13.29 -14.15 7.69
CA GLN B 38 14.66 -13.74 7.98
C GLN B 38 15.32 -14.48 9.14
N PHE B 39 14.54 -14.93 10.15
CA PHE B 39 15.11 -15.61 11.31
C PHE B 39 14.69 -17.08 11.43
N GLY B 40 13.85 -17.59 10.53
CA GLY B 40 13.32 -18.94 10.65
C GLY B 40 12.15 -19.00 11.63
N PRO B 41 11.83 -20.20 12.11
CA PRO B 41 10.79 -20.30 13.16
C PRO B 41 11.16 -19.53 14.43
N HIS B 42 10.14 -18.99 15.10
CA HIS B 42 10.36 -18.25 16.35
C HIS B 42 10.90 -19.18 17.44
N ASN B 43 11.88 -18.68 18.20
CA ASN B 43 12.50 -19.43 19.28
C ASN B 43 12.74 -18.47 20.43
N GLU B 44 11.92 -18.59 21.48
CA GLU B 44 12.00 -17.72 22.64
C GLU B 44 13.42 -17.64 23.22
N GLN B 45 14.18 -18.73 23.16
N GLN B 45 14.18 -18.74 23.14
CA GLN B 45 15.53 -18.67 23.71
CA GLN B 45 15.54 -18.73 23.68
C GLN B 45 16.44 -17.75 22.90
C GLN B 45 16.49 -17.86 22.86
N LYS B 46 16.10 -17.48 21.64
CA LYS B 46 16.95 -16.65 20.77
C LYS B 46 16.35 -15.30 20.38
N HIS B 47 15.04 -15.13 20.41
CA HIS B 47 14.39 -13.90 19.96
C HIS B 47 13.80 -13.20 21.18
N LYS B 48 14.64 -12.51 21.88
CA LYS B 48 14.47 -11.76 23.12
C LYS B 48 13.92 -10.35 22.84
N PRO B 49 13.18 -9.78 23.79
CA PRO B 49 12.63 -8.43 23.58
C PRO B 49 13.71 -7.36 23.47
N GLY B 50 13.46 -6.38 22.60
CA GLY B 50 14.45 -5.39 22.26
C GLY B 50 15.37 -5.79 21.12
N PHE B 51 15.39 -7.07 20.74
CA PHE B 51 16.31 -7.53 19.72
C PHE B 51 15.89 -7.12 18.33
N LEU B 52 14.59 -6.89 18.12
CA LEU B 52 14.05 -6.55 16.81
C LEU B 52 14.19 -5.05 16.55
N GLU B 53 15.01 -4.71 15.58
CA GLU B 53 15.18 -3.35 15.08
C GLU B 53 13.94 -2.99 14.27
N LEU B 54 12.99 -2.28 14.89
CA LEU B 54 11.69 -2.07 14.27
C LEU B 54 11.79 -1.29 12.96
N LYS B 55 12.82 -0.50 12.78
CA LYS B 55 12.97 0.30 11.55
C LYS B 55 13.01 -0.63 10.33
N ASP B 56 13.35 -1.89 10.53
CA ASP B 56 13.55 -2.81 9.42
C ASP B 56 12.34 -3.71 9.14
N PHE B 57 11.30 -3.65 9.99
CA PHE B 57 10.15 -4.54 9.86
C PHE B 57 8.80 -3.84 9.83
N LEU B 58 8.76 -2.51 9.86
CA LEU B 58 7.51 -1.77 10.01
C LEU B 58 7.64 -0.43 9.27
N PRO B 59 6.54 0.08 8.71
CA PRO B 59 6.55 1.46 8.22
C PRO B 59 6.75 2.43 9.37
N LYS B 60 7.33 3.60 9.05
CA LYS B 60 7.84 4.48 10.11
C LYS B 60 6.73 5.04 10.98
N GLU B 61 5.62 5.45 10.39
CA GLU B 61 4.48 5.93 11.16
C GLU B 61 4.12 5.00 12.33
N TYR B 62 4.52 3.72 12.27
CA TYR B 62 4.13 2.74 13.28
C TYR B 62 5.22 2.32 14.27
N ILE B 63 6.47 2.75 14.08
CA ILE B 63 7.54 2.40 15.02
C ILE B 63 7.23 2.92 16.43
N LYS B 64 6.67 4.12 16.52
CA LYS B 64 6.24 4.66 17.80
C LYS B 64 5.24 3.77 18.52
N GLN B 65 4.62 2.82 17.82
CA GLN B 65 3.48 2.13 18.41
C GLN B 65 3.85 0.94 19.29
N LYS B 66 5.14 0.66 19.50
CA LYS B 66 5.55 -0.39 20.44
C LYS B 66 4.85 -1.71 20.12
N GLY B 67 4.89 -2.09 18.85
CA GLY B 67 4.21 -3.30 18.41
C GLY B 67 5.08 -4.55 18.38
N GLU B 68 6.19 -4.56 19.12
CA GLU B 68 7.04 -5.76 19.06
C GLU B 68 6.30 -6.97 19.61
N ARG B 69 5.46 -6.78 20.63
N ARG B 69 5.50 -6.77 20.66
CA ARG B 69 4.67 -7.91 21.13
CA ARG B 69 4.62 -7.83 21.16
C ARG B 69 3.63 -8.36 20.10
C ARG B 69 3.72 -8.36 20.05
N LYS B 70 3.15 -7.46 19.24
CA LYS B 70 2.29 -7.92 18.14
C LYS B 70 3.10 -8.67 17.09
N ILE B 71 4.31 -8.20 16.79
CA ILE B 71 5.11 -8.85 15.75
C ILE B 71 5.51 -10.25 16.19
N PHE B 72 5.98 -10.39 17.45
CA PHE B 72 6.41 -11.71 17.90
C PHE B 72 5.23 -12.69 17.97
N MET B 73 4.01 -12.18 18.16
CA MET B 73 2.83 -13.04 18.12
C MET B 73 2.57 -13.55 16.71
N ALA B 74 2.62 -12.67 15.73
CA ALA B 74 2.47 -13.13 14.36
C ALA B 74 3.66 -14.00 13.95
N HIS B 75 4.87 -13.73 14.48
CA HIS B 75 5.99 -14.59 14.14
C HIS B 75 5.84 -15.96 14.75
N LYS B 76 5.40 -16.02 16.01
CA LYS B 76 5.10 -17.32 16.62
C LYS B 76 4.06 -18.04 15.79
N ASN B 77 3.01 -17.32 15.42
CA ASN B 77 1.84 -17.91 14.72
C ASN B 77 2.19 -18.60 13.40
N CYS B 78 3.36 -18.35 12.84
CA CYS B 78 3.76 -18.99 11.59
C CYS B 78 4.19 -20.44 11.78
N GLY B 79 4.37 -20.89 13.03
CA GLY B 79 4.78 -22.28 13.24
C GLY B 79 6.12 -22.60 12.58
N ASN B 80 6.20 -23.76 11.93
CA ASN B 80 7.43 -24.18 11.26
C ASN B 80 7.41 -23.91 9.77
N MET B 81 6.62 -22.93 9.36
CA MET B 81 6.47 -22.58 7.94
C MET B 81 7.82 -22.39 7.27
N SER B 82 7.98 -22.97 6.08
CA SER B 82 9.19 -22.83 5.30
C SER B 82 9.35 -21.39 4.83
N GLU B 83 10.60 -21.05 4.51
CA GLU B 83 10.88 -19.70 4.03
C GLU B 83 10.03 -19.37 2.79
N ILE B 84 9.96 -20.32 1.85
CA ILE B 84 9.25 -20.06 0.60
C ILE B 84 7.75 -19.98 0.85
N GLU B 85 7.24 -20.79 1.78
CA GLU B 85 5.83 -20.67 2.10
C GLU B 85 5.52 -19.27 2.63
N ALA B 86 6.36 -18.78 3.55
CA ALA B 86 6.14 -17.45 4.09
C ALA B 86 6.18 -16.38 2.99
N LYS B 87 7.04 -16.56 1.99
CA LYS B 87 7.09 -15.59 0.90
C LYS B 87 5.81 -15.61 0.07
N VAL B 88 5.32 -16.80 -0.27
CA VAL B 88 4.07 -16.88 -1.01
C VAL B 88 2.93 -16.24 -0.20
N ARG B 89 2.97 -16.44 1.12
CA ARG B 89 1.89 -15.87 1.96
C ARG B 89 2.02 -14.35 2.03
N TYR B 90 3.23 -13.87 2.26
CA TYR B 90 3.47 -12.43 2.26
C TYR B 90 2.91 -11.78 0.98
N VAL B 91 3.25 -12.34 -0.18
CA VAL B 91 2.79 -11.74 -1.43
C VAL B 91 1.27 -11.83 -1.56
N LYS B 92 0.70 -12.98 -1.21
CA LYS B 92 -0.76 -13.12 -1.30
C LYS B 92 -1.46 -12.11 -0.39
N LEU B 93 -0.92 -11.87 0.81
CA LEU B 93 -1.55 -10.91 1.72
C LEU B 93 -1.54 -9.51 1.11
N ALA B 94 -0.37 -9.07 0.64
CA ALA B 94 -0.27 -7.75 -0.01
C ALA B 94 -1.28 -7.62 -1.14
N ARG B 95 -1.33 -8.62 -2.03
CA ARG B 95 -2.18 -8.54 -3.22
C ARG B 95 -3.66 -8.63 -2.86
N SER B 96 -4.00 -9.20 -1.71
CA SER B 96 -5.38 -9.26 -1.27
C SER B 96 -5.91 -7.90 -0.84
N LEU B 97 -5.08 -6.88 -0.80
CA LEU B 97 -5.48 -5.59 -0.25
C LEU B 97 -5.91 -4.64 -1.37
N LYS B 98 -7.07 -4.00 -1.17
CA LYS B 98 -7.55 -2.97 -2.09
C LYS B 98 -6.43 -2.00 -2.47
N THR B 99 -5.50 -1.74 -1.55
CA THR B 99 -4.48 -0.74 -1.83
C THR B 99 -3.37 -1.27 -2.74
N TYR B 100 -3.30 -2.57 -2.96
CA TYR B 100 -2.23 -3.12 -3.79
C TYR B 100 -2.30 -2.62 -5.24
N GLY B 101 -1.12 -2.34 -5.81
CA GLY B 101 -1.07 -1.85 -7.17
C GLY B 101 -1.59 -0.44 -7.36
N VAL B 102 -1.65 0.35 -6.30
CA VAL B 102 -2.27 1.67 -6.32
C VAL B 102 -1.19 2.69 -5.99
N SER B 103 -0.98 3.63 -6.91
CA SER B 103 -0.14 4.79 -6.60
C SER B 103 -0.91 5.75 -5.71
N PHE B 104 -0.30 6.20 -4.62
CA PHE B 104 -0.93 7.09 -3.66
C PHE B 104 -0.17 8.40 -3.53
N PHE B 105 -0.89 9.44 -3.18
CA PHE B 105 -0.29 10.70 -2.77
C PHE B 105 -0.91 11.10 -1.45
N LEU B 106 -0.11 11.74 -0.59
CA LEU B 106 -0.63 12.26 0.66
C LEU B 106 -1.00 13.70 0.43
N VAL B 107 -2.28 14.01 0.64
CA VAL B 107 -2.86 15.30 0.31
C VAL B 107 -3.68 15.74 1.50
N LYS B 108 -3.95 17.04 1.57
CA LYS B 108 -4.81 17.59 2.61
C LYS B 108 -6.15 17.98 1.99
N GLU B 109 -7.24 17.51 2.60
CA GLU B 109 -8.60 17.87 2.25
C GLU B 109 -9.15 18.92 3.20
N LYS B 110 -10.25 19.54 2.80
CA LYS B 110 -11.05 20.35 3.71
C LYS B 110 -12.25 19.54 4.16
N MET B 111 -12.63 19.70 5.42
CA MET B 111 -13.90 19.21 5.92
C MET B 111 -14.74 20.35 6.52
N LYS B 112 -15.92 19.97 7.00
CA LYS B 112 -16.87 20.87 7.62
C LYS B 112 -16.42 21.21 9.05
N GLY B 113 -15.20 21.74 9.15
CA GLY B 113 -14.60 22.05 10.45
C GLY B 113 -13.07 21.94 10.45
N LYS B 116 -9.03 24.17 9.46
CA LYS B 116 -8.24 22.96 9.69
C LYS B 116 -8.32 22.00 8.49
N LEU B 117 -7.17 21.63 7.92
CA LEU B 117 -7.15 20.74 6.73
C LEU B 117 -6.63 19.36 7.13
N VAL B 118 -7.35 18.28 6.77
CA VAL B 118 -6.99 16.91 7.23
C VAL B 118 -6.21 16.17 6.14
N PRO B 119 -5.12 15.43 6.46
CA PRO B 119 -4.43 14.63 5.45
C PRO B 119 -5.28 13.48 4.96
N ARG B 120 -5.00 13.07 3.74
CA ARG B 120 -5.71 11.94 3.16
C ARG B 120 -4.88 11.36 2.03
N LEU B 121 -4.94 10.04 1.89
CA LEU B 121 -4.22 9.34 0.84
C LEU B 121 -5.13 9.24 -0.38
N LEU B 122 -4.72 9.87 -1.48
CA LEU B 122 -5.42 9.82 -2.77
C LEU B 122 -4.69 8.85 -3.68
N GLY B 123 -5.34 7.76 -4.06
CA GLY B 123 -4.72 6.69 -4.83
C GLY B 123 -5.31 6.58 -6.23
N ILE B 124 -4.44 6.34 -7.22
CA ILE B 124 -4.84 6.26 -8.62
C ILE B 124 -4.48 4.88 -9.16
N THR B 125 -5.40 4.25 -9.89
CA THR B 125 -5.03 3.17 -10.80
C THR B 125 -5.60 3.40 -12.20
N LYS B 126 -5.49 2.39 -13.07
CA LYS B 126 -6.08 2.48 -14.40
C LYS B 126 -7.59 2.44 -14.35
N GLU B 127 -8.16 1.79 -13.33
CA GLU B 127 -9.61 1.63 -13.24
C GLU B 127 -10.32 2.70 -12.43
N CYS B 128 -9.69 3.33 -11.45
CA CYS B 128 -10.45 4.22 -10.56
C CYS B 128 -9.54 5.20 -9.85
N VAL B 129 -10.14 5.97 -8.92
CA VAL B 129 -9.51 6.97 -8.07
C VAL B 129 -10.14 6.85 -6.68
N MET B 130 -9.32 6.72 -5.63
CA MET B 130 -9.85 6.44 -4.30
C MET B 130 -9.29 7.37 -3.23
N ARG B 131 -10.14 7.70 -2.25
CA ARG B 131 -9.70 8.34 -1.02
C ARG B 131 -9.54 7.26 0.04
N VAL B 132 -8.44 7.32 0.78
CA VAL B 132 -8.11 6.28 1.75
C VAL B 132 -7.65 6.94 3.04
N ASP B 133 -8.04 6.36 4.17
CA ASP B 133 -7.72 6.97 5.45
C ASP B 133 -6.22 6.92 5.71
N GLU B 134 -5.65 8.09 6.00
CA GLU B 134 -4.21 8.21 6.18
C GLU B 134 -3.70 7.39 7.37
N LYS B 135 -4.56 7.05 8.33
CA LYS B 135 -4.13 6.31 9.51
C LYS B 135 -4.65 4.88 9.47
N THR B 136 -5.95 4.67 9.37
CA THR B 136 -6.49 3.31 9.34
C THR B 136 -6.31 2.63 8.00
N LYS B 137 -6.13 3.39 6.91
CA LYS B 137 -6.02 2.87 5.55
C LYS B 137 -7.32 2.25 5.06
N GLU B 138 -8.43 2.48 5.76
N GLU B 138 -8.42 2.48 5.77
CA GLU B 138 -9.71 2.00 5.25
CA GLU B 138 -9.71 2.07 5.25
C GLU B 138 -10.10 2.82 4.04
C GLU B 138 -9.99 2.82 3.96
N VAL B 139 -10.59 2.14 3.00
CA VAL B 139 -10.94 2.77 1.73
C VAL B 139 -12.32 3.39 1.92
N ILE B 140 -12.37 4.73 1.87
CA ILE B 140 -13.56 5.47 2.28
C ILE B 140 -14.36 6.03 1.09
N GLN B 141 -13.84 5.96 -0.13
CA GLN B 141 -14.58 6.38 -1.32
C GLN B 141 -13.84 5.95 -2.58
N GLU B 142 -14.60 5.42 -3.54
CA GLU B 142 -14.00 4.88 -4.76
C GLU B 142 -14.79 5.38 -5.96
N TRP B 143 -14.11 6.04 -6.89
CA TRP B 143 -14.70 6.61 -8.11
C TRP B 143 -14.11 5.91 -9.32
N SER B 144 -14.95 5.44 -10.24
CA SER B 144 -14.40 4.86 -11.45
C SER B 144 -13.79 5.97 -12.28
N LEU B 145 -12.77 5.64 -13.08
CA LEU B 145 -12.16 6.68 -13.91
C LEU B 145 -13.16 7.26 -14.91
N THR B 146 -14.08 6.44 -15.41
CA THR B 146 -15.09 6.97 -16.32
C THR B 146 -16.09 7.90 -15.61
N ASN B 147 -15.85 8.20 -14.34
CA ASN B 147 -16.70 9.09 -13.57
C ASN B 147 -16.16 10.51 -13.55
N ILE B 148 -14.98 10.71 -14.15
CA ILE B 148 -14.23 11.96 -14.07
C ILE B 148 -14.53 12.75 -15.32
N LYS B 149 -15.31 13.82 -15.16
CA LYS B 149 -15.54 14.76 -16.25
C LYS B 149 -14.23 15.43 -16.65
N ARG B 150 -13.53 16.04 -15.68
CA ARG B 150 -12.27 16.72 -15.98
C ARG B 150 -11.45 16.83 -14.70
N TRP B 151 -10.17 17.21 -14.87
CA TRP B 151 -9.20 17.34 -13.79
C TRP B 151 -8.33 18.57 -14.04
N ALA B 152 -7.75 19.12 -12.96
CA ALA B 152 -6.89 20.32 -13.05
C ALA B 152 -5.87 20.31 -11.93
N ALA B 153 -4.68 20.83 -12.25
CA ALA B 153 -3.58 20.87 -11.28
C ALA B 153 -2.97 22.26 -11.20
N SER B 154 -2.92 22.83 -9.99
CA SER B 154 -2.15 24.00 -9.61
C SER B 154 -0.75 23.59 -9.15
N PRO B 155 0.12 24.56 -8.86
CA PRO B 155 1.36 24.23 -8.12
C PRO B 155 1.09 23.90 -6.66
N LYS B 156 -0.07 24.31 -6.13
CA LYS B 156 -0.38 24.18 -4.71
C LYS B 156 -1.79 23.64 -4.52
N SER B 157 -2.26 22.78 -5.45
CA SER B 157 -3.63 22.27 -5.46
C SER B 157 -3.81 21.18 -6.52
N PHE B 158 -4.75 20.26 -6.31
CA PHE B 158 -5.22 19.36 -7.37
C PHE B 158 -6.73 19.25 -7.25
N THR B 159 -7.42 19.13 -8.39
CA THR B 159 -8.86 19.24 -8.44
C THR B 159 -9.47 18.21 -9.40
N LEU B 160 -10.63 17.70 -9.01
CA LEU B 160 -11.40 16.75 -9.81
C LEU B 160 -12.82 17.29 -9.97
N ASP B 161 -13.36 17.20 -11.18
CA ASP B 161 -14.75 17.51 -11.45
C ASP B 161 -15.39 16.21 -11.95
N PHE B 162 -16.34 15.69 -11.18
CA PHE B 162 -16.97 14.41 -11.43
C PHE B 162 -18.27 14.52 -12.20
N GLY B 163 -18.67 15.73 -12.59
CA GLY B 163 -19.95 15.88 -13.28
C GLY B 163 -21.12 15.41 -12.43
N ASP B 164 -21.98 14.60 -13.04
CA ASP B 164 -23.28 14.30 -12.47
C ASP B 164 -23.23 13.23 -11.40
N TYR B 165 -22.03 12.85 -10.98
CA TYR B 165 -21.86 11.73 -10.05
C TYR B 165 -21.66 12.19 -8.61
N GLN B 166 -21.01 13.33 -8.41
CA GLN B 166 -20.96 13.97 -7.11
C GLN B 166 -21.30 15.45 -7.27
N ASP B 167 -21.94 16.02 -6.27
CA ASP B 167 -22.23 17.44 -6.24
C ASP B 167 -21.05 18.14 -5.56
N GLY B 168 -20.57 19.23 -6.17
CA GLY B 168 -19.41 19.95 -5.68
C GLY B 168 -18.08 19.36 -6.10
N TYR B 169 -17.15 20.21 -6.53
CA TYR B 169 -15.82 19.77 -6.94
C TYR B 169 -15.09 19.09 -5.77
N TYR B 170 -14.11 18.25 -6.10
CA TYR B 170 -13.18 17.69 -5.12
C TYR B 170 -11.88 18.46 -5.25
N SER B 171 -11.51 19.16 -4.20
CA SER B 171 -10.30 19.95 -4.21
C SER B 171 -9.43 19.60 -3.02
N VAL B 172 -8.13 19.82 -3.20
CA VAL B 172 -7.09 19.13 -2.46
C VAL B 172 -5.79 19.94 -2.47
N GLN B 173 -5.23 20.17 -1.27
CA GLN B 173 -3.94 20.83 -1.14
C GLN B 173 -2.81 19.81 -1.36
N THR B 174 -1.97 20.06 -2.37
CA THR B 174 -0.83 19.23 -2.73
C THR B 174 0.06 20.02 -3.66
N THR B 175 1.37 19.80 -3.53
CA THR B 175 2.31 20.37 -4.48
C THR B 175 2.57 19.47 -5.66
N GLU B 176 2.18 18.20 -5.54
CA GLU B 176 2.35 17.21 -6.58
C GLU B 176 1.17 17.18 -7.56
N GLY B 177 0.38 18.27 -7.61
CA GLY B 177 -0.84 18.25 -8.38
C GLY B 177 -0.59 17.94 -9.86
N GLU B 178 0.43 18.55 -10.44
CA GLU B 178 0.78 18.22 -11.82
CA GLU B 178 0.79 18.22 -11.81
C GLU B 178 1.22 16.78 -11.94
N GLN B 179 1.75 16.19 -10.86
CA GLN B 179 2.17 14.80 -10.96
C GLN B 179 0.96 13.86 -10.92
N ILE B 180 0.02 14.07 -9.98
CA ILE B 180 -1.21 13.29 -9.91
C ILE B 180 -1.94 13.28 -11.26
N ALA B 181 -2.03 14.46 -11.92
CA ALA B 181 -2.80 14.57 -13.16
C ALA B 181 -2.08 13.93 -14.34
N GLN B 182 -0.75 14.07 -14.39
CA GLN B 182 0.03 13.36 -15.38
C GLN B 182 -0.29 11.87 -15.37
N LEU B 183 -0.35 11.28 -14.16
CA LEU B 183 -0.65 9.85 -14.03
C LEU B 183 -2.02 9.54 -14.62
N ILE B 184 -3.00 10.35 -14.24
CA ILE B 184 -4.38 10.10 -14.68
C ILE B 184 -4.47 10.20 -16.20
N ALA B 185 -3.90 11.26 -16.79
CA ALA B 185 -3.96 11.41 -18.25
C ALA B 185 -3.37 10.19 -18.96
N GLY B 186 -2.27 9.64 -18.45
CA GLY B 186 -1.69 8.48 -19.11
C GLY B 186 -2.59 7.27 -19.08
N TYR B 187 -3.36 7.09 -18.00
CA TYR B 187 -4.30 5.98 -17.92
C TYR B 187 -5.52 6.19 -18.80
N ILE B 188 -5.87 7.45 -19.06
CA ILE B 188 -6.92 7.77 -20.02
C ILE B 188 -6.45 7.43 -21.42
N ASP B 189 -5.22 7.82 -21.75
CA ASP B 189 -4.71 7.68 -23.11
C ASP B 189 -4.76 6.23 -23.59
N ILE B 190 -4.53 5.27 -22.69
CA ILE B 190 -4.44 3.87 -23.12
C ILE B 190 -5.80 3.37 -23.61
N ILE B 191 -6.90 3.80 -22.97
CA ILE B 191 -8.20 3.27 -23.35
C ILE B 191 -8.57 3.67 -24.78
N LEU B 192 -8.15 4.85 -25.21
CA LEU B 192 -8.47 5.35 -26.55
C LEU B 192 -7.22 5.47 -27.45
#